data_4YBN
#
_entry.id   4YBN
#
_cell.length_a   84.722
_cell.length_b   59.876
_cell.length_c   89.658
_cell.angle_alpha   90.000
_cell.angle_beta   93.830
_cell.angle_gamma   90.000
#
_symmetry.space_group_name_H-M   'C 1 2 1'
#
loop_
_entity.id
_entity.type
_entity.pdbx_description
1 polymer 'Flavin-nucleotide-binding protein'
2 non-polymer 'NICKEL (II) ION'
3 non-polymer 'SULFATE ION'
4 non-polymer 'ACETATE ION'
5 non-polymer 'PROTOPORPHYRIN IX CONTAINING FE'
6 non-polymer 'FLAVIN-ADENINE DINUCLEOTIDE'
7 water water
#
_entity_poly.entity_id   1
_entity_poly.type   'polypeptide(L)'
_entity_poly.pdbx_seq_one_letter_code
;MTDVSKPSTRVTRLDEKQSTSRERLDDLLDTIPLATVALVRDGHPVAFPIGFGRVGDELVIHGSTGSPWLRALAEGAPAA
VSVTALDGVVVARSSFESSFRYRSATLFGTFEVIADDAKRGYLDALTDRFIPGRTAELRASTRKELAATLALALAIGDDN
WSLKLSEGWPDDADEDIAAGGWAGVVPLTTQYGAPLTAPDVAAGTPLPPSVRGMTGELRNTRAR
;
_entity_poly.pdbx_strand_id   A,B
#
# COMPACT_ATOMS: atom_id res chain seq x y z
N SER A 8 -6.76 -12.25 -16.91
CA SER A 8 -7.65 -11.67 -15.86
C SER A 8 -6.96 -11.89 -14.50
N THR A 9 -6.84 -13.17 -14.10
CA THR A 9 -6.27 -13.55 -12.78
C THR A 9 -4.93 -14.32 -12.83
N ARG A 10 -4.42 -14.57 -14.03
CA ARG A 10 -3.14 -15.29 -14.22
C ARG A 10 -1.93 -14.30 -14.25
N VAL A 11 -0.94 -14.48 -13.37
CA VAL A 11 0.31 -13.64 -13.45
C VAL A 11 1.07 -14.01 -14.77
N THR A 12 1.55 -12.99 -15.51
CA THR A 12 2.44 -13.17 -16.70
C THR A 12 3.94 -13.30 -16.30
N ARG A 13 4.50 -12.25 -15.69
CA ARG A 13 5.95 -12.21 -15.34
C ARG A 13 6.22 -12.91 -13.99
N LEU A 14 7.30 -13.71 -13.95
CA LEU A 14 7.72 -14.49 -12.76
C LEU A 14 6.54 -15.19 -12.08
N ASP A 15 5.80 -15.92 -12.90
CA ASP A 15 4.58 -16.60 -12.49
C ASP A 15 4.81 -17.80 -11.52
N GLU A 16 6.06 -18.25 -11.32
CA GLU A 16 6.36 -19.14 -10.17
C GLU A 16 6.20 -18.42 -8.80
N LYS A 17 6.01 -17.09 -8.83
CA LYS A 17 5.63 -16.32 -7.65
C LYS A 17 4.12 -16.28 -7.37
N GLN A 18 3.30 -16.74 -8.33
CA GLN A 18 1.85 -16.82 -8.14
C GLN A 18 1.56 -17.95 -7.17
N SER A 19 0.68 -17.71 -6.20
CA SER A 19 0.18 -18.75 -5.29
C SER A 19 -1.32 -18.92 -5.40
N THR A 20 -1.82 -20.14 -5.47
CA THR A 20 -3.25 -20.39 -5.40
C THR A 20 -3.77 -20.79 -4.01
N SER A 21 -2.97 -20.62 -2.98
CA SER A 21 -3.45 -20.95 -1.67
C SER A 21 -4.38 -19.85 -1.07
N ARG A 22 -5.63 -20.24 -0.83
CA ARG A 22 -6.60 -19.39 -0.16
C ARG A 22 -6.15 -19.10 1.26
N GLU A 23 -5.49 -20.07 1.87
CA GLU A 23 -5.01 -19.84 3.20
C GLU A 23 -3.97 -18.74 3.25
N ARG A 24 -3.11 -18.68 2.26
CA ARG A 24 -2.10 -17.60 2.18
C ARG A 24 -2.76 -16.27 1.89
N LEU A 25 -3.79 -16.31 1.05
CA LEU A 25 -4.61 -15.14 0.86
C LEU A 25 -5.21 -14.56 2.12
N ASP A 26 -5.85 -15.40 2.93
CA ASP A 26 -6.40 -14.96 4.17
C ASP A 26 -5.37 -14.41 5.12
N ASP A 27 -4.22 -15.04 5.16
CA ASP A 27 -3.17 -14.56 5.99
C ASP A 27 -2.75 -13.12 5.61
N LEU A 28 -2.64 -12.86 4.32
CA LEU A 28 -2.34 -11.50 3.90
C LEU A 28 -3.43 -10.58 4.24
N LEU A 29 -4.68 -10.96 3.94
CA LEU A 29 -5.82 -10.10 4.23
C LEU A 29 -6.07 -9.89 5.71
N ASP A 30 -5.61 -10.82 6.54
CA ASP A 30 -5.70 -10.64 7.94
C ASP A 30 -4.51 -9.96 8.55
N THR A 31 -3.57 -9.51 7.74
CA THR A 31 -2.40 -8.83 8.21
C THR A 31 -2.49 -7.32 7.89
N ILE A 32 -2.78 -6.97 6.66
CA ILE A 32 -2.72 -5.57 6.20
C ILE A 32 -4.10 -5.00 6.27
N PRO A 33 -4.30 -3.86 6.93
CA PRO A 33 -5.63 -3.26 7.02
C PRO A 33 -6.01 -2.26 5.91
N LEU A 34 -5.08 -1.97 5.01
N LEU A 34 -5.06 -1.92 5.05
CA LEU A 34 -5.31 -1.00 3.95
CA LEU A 34 -5.35 -0.99 3.95
C LEU A 34 -5.49 -1.71 2.64
C LEU A 34 -5.53 -1.75 2.66
N ALA A 35 -6.52 -1.30 1.90
CA ALA A 35 -6.68 -1.76 0.54
C ALA A 35 -6.64 -0.52 -0.38
N THR A 36 -6.27 -0.72 -1.64
CA THR A 36 -6.42 0.32 -2.58
C THR A 36 -7.47 -0.19 -3.53
N VAL A 37 -8.48 0.62 -3.76
CA VAL A 37 -9.62 0.25 -4.59
C VAL A 37 -9.61 1.07 -5.87
N ALA A 38 -9.72 0.38 -6.98
CA ALA A 38 -9.72 0.98 -8.30
C ALA A 38 -11.08 0.76 -8.96
N LEU A 39 -11.60 1.79 -9.62
CA LEU A 39 -12.80 1.72 -10.35
C LEU A 39 -12.69 2.71 -11.54
N VAL A 40 -13.73 2.73 -12.36
CA VAL A 40 -13.76 3.54 -13.57
C VAL A 40 -14.88 4.56 -13.41
N ARG A 41 -14.56 5.82 -13.68
CA ARG A 41 -15.58 6.89 -13.82
C ARG A 41 -15.37 7.58 -15.14
N ASP A 42 -16.42 7.60 -15.96
CA ASP A 42 -16.40 8.26 -17.26
C ASP A 42 -15.21 7.85 -18.07
N GLY A 43 -15.00 6.55 -18.14
CA GLY A 43 -13.91 6.00 -18.88
C GLY A 43 -12.54 6.14 -18.24
N HIS A 44 -12.39 6.95 -17.20
N HIS A 44 -12.41 6.96 -17.20
CA HIS A 44 -11.06 7.16 -16.59
CA HIS A 44 -11.11 7.22 -16.55
C HIS A 44 -10.89 6.50 -15.20
C HIS A 44 -10.94 6.30 -15.30
N PRO A 45 -9.70 5.94 -14.97
CA PRO A 45 -9.45 5.16 -13.76
C PRO A 45 -9.38 6.01 -12.56
N VAL A 46 -9.85 5.48 -11.42
CA VAL A 46 -9.72 6.17 -10.16
C VAL A 46 -9.25 5.16 -9.12
N ALA A 47 -8.47 5.63 -8.17
CA ALA A 47 -7.95 4.73 -7.13
C ALA A 47 -7.93 5.46 -5.79
N PHE A 48 -8.35 4.75 -4.72
CA PHE A 48 -8.36 5.40 -3.41
C PHE A 48 -8.06 4.36 -2.38
N PRO A 49 -7.38 4.73 -1.34
CA PRO A 49 -7.11 3.85 -0.28
C PRO A 49 -8.25 3.76 0.69
N ILE A 50 -8.38 2.65 1.39
CA ILE A 50 -9.47 2.54 2.38
C ILE A 50 -9.19 1.40 3.32
N GLY A 51 -9.56 1.52 4.59
CA GLY A 51 -9.46 0.32 5.47
C GLY A 51 -10.41 -0.82 5.13
N PHE A 52 -9.99 -2.06 5.27
CA PHE A 52 -10.92 -3.13 5.00
C PHE A 52 -10.71 -4.20 6.09
N GLY A 53 -11.70 -5.05 6.29
CA GLY A 53 -11.50 -6.26 7.09
C GLY A 53 -12.08 -7.46 6.36
N ARG A 54 -11.44 -8.60 6.45
CA ARG A 54 -11.98 -9.82 5.94
C ARG A 54 -12.94 -10.37 7.00
N VAL A 55 -14.20 -10.50 6.63
CA VAL A 55 -15.23 -11.10 7.52
C VAL A 55 -15.64 -12.33 6.84
N GLY A 56 -14.97 -13.40 7.21
CA GLY A 56 -15.15 -14.68 6.55
C GLY A 56 -14.72 -14.70 5.10
N ASP A 57 -15.66 -14.83 4.19
CA ASP A 57 -15.39 -14.85 2.79
C ASP A 57 -15.86 -13.56 2.13
N GLU A 58 -15.95 -12.51 2.89
CA GLU A 58 -16.19 -11.20 2.32
C GLU A 58 -15.09 -10.20 2.75
N LEU A 59 -14.68 -9.34 1.81
CA LEU A 59 -13.90 -8.12 2.12
C LEU A 59 -14.79 -6.94 2.31
N VAL A 60 -14.74 -6.36 3.48
CA VAL A 60 -15.69 -5.36 3.88
C VAL A 60 -15.06 -4.00 4.10
N ILE A 61 -15.70 -2.94 3.60
CA ILE A 61 -15.26 -1.58 3.82
C ILE A 61 -16.41 -0.77 4.31
N HIS A 62 -16.11 0.42 4.76
CA HIS A 62 -17.13 1.34 5.10
C HIS A 62 -16.76 2.78 5.01
N GLY A 63 -17.74 3.64 5.10
CA GLY A 63 -17.44 5.09 5.12
C GLY A 63 -18.68 5.92 5.06
N SER A 64 -18.57 7.20 4.71
CA SER A 64 -19.69 8.09 4.75
C SER A 64 -20.65 7.79 3.61
N THR A 65 -21.94 7.78 3.94
CA THR A 65 -22.96 7.72 2.89
C THR A 65 -22.88 8.85 1.88
N GLY A 66 -22.15 9.93 2.25
CA GLY A 66 -21.96 11.03 1.32
C GLY A 66 -20.70 11.01 0.45
N SER A 67 -19.81 10.01 0.62
CA SER A 67 -18.61 9.87 -0.20
C SER A 67 -19.00 9.51 -1.61
N PRO A 68 -18.53 10.26 -2.63
CA PRO A 68 -18.89 9.90 -4.01
C PRO A 68 -18.29 8.64 -4.46
N TRP A 69 -17.10 8.33 -3.95
CA TRP A 69 -16.42 7.10 -4.28
C TRP A 69 -17.16 5.90 -3.78
N LEU A 70 -17.51 5.94 -2.53
CA LEU A 70 -18.28 4.82 -1.96
C LEU A 70 -19.65 4.68 -2.61
N ARG A 71 -20.31 5.81 -2.89
CA ARG A 71 -21.58 5.79 -3.64
C ARG A 71 -21.46 5.12 -4.99
N ALA A 72 -20.38 5.34 -5.66
CA ALA A 72 -20.13 4.76 -6.98
C ALA A 72 -20.05 3.27 -6.87
N LEU A 73 -19.40 2.78 -5.83
CA LEU A 73 -19.33 1.37 -5.62
C LEU A 73 -20.67 0.80 -5.18
N ALA A 74 -21.40 1.51 -4.35
CA ALA A 74 -22.71 1.08 -3.90
C ALA A 74 -23.68 0.96 -5.12
N GLU A 75 -23.49 1.80 -6.10
CA GLU A 75 -24.32 1.82 -7.33
C GLU A 75 -23.85 0.78 -8.33
N GLY A 76 -22.82 -0.01 -8.01
CA GLY A 76 -22.49 -1.12 -8.83
C GLY A 76 -21.21 -1.01 -9.65
N ALA A 77 -20.36 0.01 -9.43
CA ALA A 77 -19.09 0.12 -10.21
C ALA A 77 -18.22 -1.12 -10.03
N PRO A 78 -17.89 -1.78 -11.10
CA PRO A 78 -16.98 -2.90 -11.00
C PRO A 78 -15.65 -2.40 -10.40
N ALA A 79 -14.98 -3.20 -9.59
CA ALA A 79 -13.84 -2.70 -8.81
C ALA A 79 -12.73 -3.67 -8.89
N ALA A 80 -11.54 -3.20 -8.62
CA ALA A 80 -10.45 -4.12 -8.42
C ALA A 80 -9.81 -3.68 -7.09
N VAL A 81 -9.47 -4.62 -6.22
CA VAL A 81 -9.03 -4.28 -4.88
C VAL A 81 -7.65 -4.80 -4.73
N SER A 82 -6.70 -3.93 -4.36
CA SER A 82 -5.33 -4.36 -4.19
C SER A 82 -4.87 -4.23 -2.75
N VAL A 83 -4.24 -5.30 -2.27
CA VAL A 83 -3.74 -5.38 -0.89
C VAL A 83 -2.31 -5.86 -0.92
N THR A 84 -1.42 -5.06 -0.32
CA THR A 84 0.02 -5.28 -0.46
C THR A 84 0.78 -5.12 0.88
N ALA A 85 1.63 -6.09 1.12
CA ALA A 85 2.61 -6.06 2.19
C ALA A 85 3.99 -5.99 1.63
N LEU A 86 4.71 -4.94 1.96
CA LEU A 86 6.13 -4.75 1.57
C LEU A 86 6.99 -5.28 2.69
N ASP A 87 7.72 -6.36 2.41
CA ASP A 87 8.47 -7.14 3.36
C ASP A 87 9.95 -6.94 3.35
N GLY A 88 10.49 -6.27 2.36
CA GLY A 88 11.92 -6.00 2.35
C GLY A 88 12.46 -5.65 1.00
N VAL A 89 13.73 -5.28 1.01
CA VAL A 89 14.47 -4.85 -0.15
C VAL A 89 15.53 -5.92 -0.44
N VAL A 90 15.49 -6.36 -1.69
CA VAL A 90 16.39 -7.36 -2.28
C VAL A 90 17.56 -6.60 -2.89
N VAL A 91 18.67 -6.63 -2.19
CA VAL A 91 19.93 -6.02 -2.57
C VAL A 91 20.79 -7.04 -3.33
N ALA A 92 20.80 -6.91 -4.65
CA ALA A 92 21.62 -7.79 -5.48
C ALA A 92 22.95 -7.12 -5.83
N ARG A 93 23.85 -7.91 -6.38
CA ARG A 93 25.16 -7.43 -6.85
C ARG A 93 25.08 -6.61 -8.13
N SER A 94 23.92 -6.63 -8.80
CA SER A 94 23.56 -5.69 -9.88
C SER A 94 22.26 -4.94 -9.60
N SER A 95 22.04 -3.81 -10.24
CA SER A 95 20.70 -3.14 -10.10
C SER A 95 19.62 -3.93 -10.81
N PHE A 96 20.01 -4.60 -11.89
CA PHE A 96 19.04 -5.33 -12.65
C PHE A 96 18.38 -6.43 -11.84
N GLU A 97 19.09 -7.10 -10.95
CA GLU A 97 18.51 -8.18 -10.16
C GLU A 97 18.04 -7.70 -8.79
N SER A 98 18.05 -6.40 -8.51
CA SER A 98 17.63 -5.95 -7.23
C SER A 98 16.11 -5.87 -7.26
N SER A 99 15.47 -5.90 -6.10
N SER A 99 15.47 -5.97 -6.10
CA SER A 99 14.01 -5.96 -6.06
CA SER A 99 14.03 -6.20 -6.07
C SER A 99 13.49 -5.92 -4.64
C SER A 99 13.42 -5.77 -4.75
N PHE A 100 12.21 -6.26 -4.48
CA PHE A 100 11.56 -6.15 -3.20
C PHE A 100 10.99 -7.48 -2.83
N ARG A 101 10.98 -7.78 -1.54
CA ARG A 101 10.19 -8.84 -1.04
C ARG A 101 8.81 -8.23 -0.77
N TYR A 102 7.79 -8.97 -1.13
CA TYR A 102 6.40 -8.52 -0.90
C TYR A 102 5.40 -9.64 -1.03
N ARG A 103 4.15 -9.35 -0.63
CA ARG A 103 3.01 -10.25 -0.84
C ARG A 103 1.90 -9.33 -1.34
N SER A 104 1.19 -9.67 -2.39
CA SER A 104 0.20 -8.79 -2.91
C SER A 104 -1.02 -9.61 -3.38
N ALA A 105 -2.21 -9.12 -3.13
CA ALA A 105 -3.40 -9.80 -3.64
C ALA A 105 -4.18 -8.81 -4.41
N THR A 106 -4.84 -9.27 -5.46
CA THR A 106 -5.74 -8.45 -6.24
C THR A 106 -7.08 -9.22 -6.36
N LEU A 107 -8.18 -8.57 -6.00
CA LEU A 107 -9.54 -9.11 -6.05
C LEU A 107 -10.48 -8.29 -6.97
N PHE A 108 -11.42 -8.92 -7.65
CA PHE A 108 -12.21 -8.20 -8.67
C PHE A 108 -13.65 -8.52 -8.37
N GLY A 109 -14.51 -7.55 -8.47
CA GLY A 109 -15.91 -7.79 -8.50
C GLY A 109 -16.66 -6.55 -8.21
N THR A 110 -17.97 -6.68 -7.99
N THR A 110 -17.91 -6.74 -7.82
CA THR A 110 -18.80 -5.56 -7.57
CA THR A 110 -18.82 -5.66 -7.53
C THR A 110 -19.11 -5.71 -6.11
C THR A 110 -19.14 -5.72 -6.07
N PHE A 111 -18.93 -4.63 -5.38
CA PHE A 111 -19.34 -4.53 -4.02
C PHE A 111 -20.88 -4.55 -3.88
N GLU A 112 -21.35 -5.30 -2.90
CA GLU A 112 -22.74 -5.21 -2.50
C GLU A 112 -22.94 -4.37 -1.25
N VAL A 113 -23.98 -3.54 -1.29
CA VAL A 113 -24.40 -2.72 -0.16
C VAL A 113 -24.91 -3.63 0.93
N ILE A 114 -24.38 -3.50 2.13
CA ILE A 114 -24.90 -4.25 3.25
C ILE A 114 -26.22 -3.61 3.64
N ALA A 115 -27.26 -4.45 3.76
CA ALA A 115 -28.61 -3.96 4.16
C ALA A 115 -28.62 -3.34 5.52
N ASP A 116 -29.57 -2.40 5.71
CA ASP A 116 -29.74 -1.68 6.95
C ASP A 116 -29.82 -2.62 8.14
N ASP A 117 -30.49 -3.76 7.97
CA ASP A 117 -30.63 -4.71 9.07
C ASP A 117 -29.32 -5.44 9.45
N ALA A 118 -28.41 -5.53 8.48
CA ALA A 118 -27.18 -6.23 8.65
C ALA A 118 -25.99 -5.31 9.00
N LYS A 119 -26.17 -4.00 8.93
CA LYS A 119 -25.01 -3.10 9.01
C LYS A 119 -24.34 -3.19 10.39
N ARG A 120 -25.17 -3.22 11.42
CA ARG A 120 -24.68 -3.26 12.78
C ARG A 120 -23.75 -4.44 13.01
N GLY A 121 -24.14 -5.59 12.49
CA GLY A 121 -23.37 -6.80 12.71
C GLY A 121 -22.06 -6.76 11.91
N TYR A 122 -22.12 -6.29 10.65
CA TYR A 122 -20.88 -6.19 9.84
C TYR A 122 -19.94 -5.14 10.38
N LEU A 123 -20.46 -4.01 10.89
CA LEU A 123 -19.60 -2.99 11.42
C LEU A 123 -18.89 -3.42 12.72
N ASP A 124 -19.58 -4.16 13.56
CA ASP A 124 -19.01 -4.73 14.73
C ASP A 124 -17.90 -5.67 14.30
N ALA A 125 -18.18 -6.54 13.37
CA ALA A 125 -17.13 -7.47 12.93
C ALA A 125 -15.94 -6.70 12.28
N LEU A 126 -16.22 -5.64 11.55
N LEU A 126 -16.26 -5.64 11.57
CA LEU A 126 -15.18 -4.80 10.93
CA LEU A 126 -15.26 -4.80 10.91
C LEU A 126 -14.34 -4.15 12.00
C LEU A 126 -14.39 -4.02 11.90
N THR A 127 -14.99 -3.53 12.98
CA THR A 127 -14.24 -2.93 14.10
C THR A 127 -13.28 -3.88 14.82
N ASP A 128 -13.73 -5.09 15.05
CA ASP A 128 -12.93 -6.12 15.66
C ASP A 128 -11.79 -6.64 14.79
N ARG A 129 -11.76 -6.30 13.49
CA ARG A 129 -10.58 -6.56 12.64
C ARG A 129 -9.51 -5.52 12.92
N PHE A 130 -9.94 -4.27 12.99
CA PHE A 130 -9.05 -3.14 13.09
C PHE A 130 -8.48 -3.11 14.49
N ILE A 131 -9.33 -3.26 15.51
CA ILE A 131 -8.90 -3.17 16.97
C ILE A 131 -9.55 -4.36 17.63
N PRO A 132 -8.85 -5.51 17.70
CA PRO A 132 -9.52 -6.73 18.17
C PRO A 132 -10.11 -6.68 19.57
N GLY A 133 -11.33 -7.15 19.76
CA GLY A 133 -11.95 -7.11 21.11
C GLY A 133 -12.56 -5.77 21.47
N ARG A 134 -12.53 -4.81 20.56
CA ARG A 134 -12.91 -3.46 20.86
C ARG A 134 -14.38 -3.30 20.96
N THR A 135 -15.13 -4.06 20.16
CA THR A 135 -16.57 -3.91 20.15
C THR A 135 -17.13 -4.21 21.54
N ALA A 136 -16.57 -5.18 22.23
CA ALA A 136 -17.14 -5.57 23.50
C ALA A 136 -16.88 -4.44 24.50
N GLU A 137 -15.90 -3.58 24.26
CA GLU A 137 -15.61 -2.44 25.18
C GLU A 137 -16.40 -1.17 24.94
N LEU A 138 -17.03 -1.02 23.79
CA LEU A 138 -17.68 0.20 23.43
C LEU A 138 -19.21 0.06 23.56
N ARG A 139 -19.87 1.17 23.76
CA ARG A 139 -21.31 1.29 23.47
C ARG A 139 -21.67 0.88 22.03
N ALA A 140 -22.91 0.41 21.89
CA ALA A 140 -23.54 0.15 20.60
C ALA A 140 -23.55 1.43 19.80
N SER A 141 -23.43 1.31 18.50
CA SER A 141 -23.58 2.45 17.62
C SER A 141 -25.03 2.93 17.66
N THR A 142 -25.25 4.21 17.42
CA THR A 142 -26.58 4.72 17.44
C THR A 142 -27.20 4.60 16.09
N ARG A 143 -28.53 4.66 16.06
CA ARG A 143 -29.20 4.60 14.74
C ARG A 143 -28.73 5.70 13.81
N LYS A 144 -28.48 6.89 14.32
CA LYS A 144 -27.94 7.96 13.44
C LYS A 144 -26.54 7.70 12.92
N GLU A 145 -25.70 7.12 13.77
CA GLU A 145 -24.39 6.69 13.31
C GLU A 145 -24.51 5.66 12.18
N LEU A 146 -25.38 4.69 12.35
CA LEU A 146 -25.53 3.69 11.30
C LEU A 146 -26.08 4.29 10.04
N ALA A 147 -27.00 5.26 10.15
CA ALA A 147 -27.61 5.87 8.96
C ALA A 147 -26.64 6.73 8.22
N ALA A 148 -25.63 7.24 8.91
CA ALA A 148 -24.56 8.01 8.25
C ALA A 148 -23.44 7.11 7.63
N THR A 149 -23.57 5.81 7.69
CA THR A 149 -22.55 4.85 7.26
C THR A 149 -23.02 3.92 6.13
N LEU A 150 -22.15 3.77 5.18
CA LEU A 150 -22.30 2.89 4.07
C LEU A 150 -21.31 1.80 4.34
N ALA A 151 -21.78 0.59 4.41
CA ALA A 151 -20.94 -0.57 4.48
C ALA A 151 -21.09 -1.38 3.24
N LEU A 152 -20.00 -1.90 2.69
CA LEU A 152 -19.98 -2.62 1.45
C LEU A 152 -19.15 -3.86 1.51
N ALA A 153 -19.51 -4.91 0.77
CA ALA A 153 -18.82 -6.20 0.87
C ALA A 153 -18.58 -6.77 -0.50
N LEU A 154 -17.36 -7.19 -0.71
CA LEU A 154 -16.96 -7.87 -1.91
C LEU A 154 -16.68 -9.31 -1.61
N ALA A 155 -17.34 -10.19 -2.36
CA ALA A 155 -17.22 -11.64 -2.21
C ALA A 155 -15.87 -12.14 -2.58
N ILE A 156 -15.28 -12.97 -1.72
CA ILE A 156 -14.07 -13.64 -2.05
C ILE A 156 -14.45 -15.05 -2.48
N GLY A 157 -14.38 -15.29 -3.77
CA GLY A 157 -14.85 -16.53 -4.34
C GLY A 157 -13.67 -17.41 -4.66
N ASP A 158 -13.86 -18.34 -5.61
CA ASP A 158 -12.77 -19.23 -6.03
C ASP A 158 -11.96 -18.64 -7.16
N ASP A 159 -12.57 -17.81 -7.99
CA ASP A 159 -11.96 -17.47 -9.25
C ASP A 159 -11.63 -15.96 -9.40
N ASN A 160 -11.93 -15.14 -8.41
CA ASN A 160 -11.89 -13.70 -8.64
C ASN A 160 -10.71 -13.01 -7.99
N TRP A 161 -9.67 -13.76 -7.71
CA TRP A 161 -8.53 -13.22 -6.97
C TRP A 161 -7.20 -13.80 -7.41
N SER A 162 -6.12 -13.00 -7.25
CA SER A 162 -4.81 -13.49 -7.57
C SER A 162 -3.85 -13.12 -6.41
N LEU A 163 -2.92 -13.99 -6.11
CA LEU A 163 -1.94 -13.75 -5.05
C LEU A 163 -0.53 -13.91 -5.61
N LYS A 164 0.28 -12.90 -5.38
CA LYS A 164 1.73 -12.98 -5.78
C LYS A 164 2.66 -12.79 -4.60
N LEU A 165 3.60 -13.71 -4.47
CA LEU A 165 4.48 -13.78 -3.29
C LEU A 165 5.95 -13.73 -3.76
N SER A 166 6.72 -12.78 -3.24
CA SER A 166 8.18 -12.72 -3.46
C SER A 166 8.90 -12.66 -2.15
N GLU A 167 9.50 -13.76 -1.71
CA GLU A 167 10.22 -13.75 -0.44
C GLU A 167 11.58 -14.42 -0.60
N GLY A 168 12.17 -14.31 -1.78
CA GLY A 168 13.41 -15.03 -2.10
C GLY A 168 14.63 -14.21 -1.84
N TRP A 169 15.74 -14.63 -2.46
CA TRP A 169 17.04 -13.97 -2.36
C TRP A 169 17.47 -13.39 -3.71
N PRO A 170 18.53 -12.52 -3.75
CA PRO A 170 18.97 -12.05 -5.04
C PRO A 170 19.36 -13.22 -6.00
N ASP A 171 19.04 -13.07 -7.28
CA ASP A 171 19.38 -14.06 -8.30
C ASP A 171 20.51 -13.58 -9.27
N ASP A 172 21.70 -13.48 -8.73
CA ASP A 172 22.78 -12.80 -9.43
C ASP A 172 23.41 -13.53 -10.63
N ALA A 173 23.73 -12.78 -11.69
CA ALA A 173 24.54 -13.33 -12.81
C ALA A 173 25.87 -13.86 -12.27
N ASP A 174 26.30 -15.01 -12.80
CA ASP A 174 27.55 -15.65 -12.31
C ASP A 174 28.78 -14.69 -12.35
N GLU A 175 28.88 -13.90 -13.40
CA GLU A 175 29.89 -12.79 -13.49
C GLU A 175 30.01 -11.89 -12.22
N ASP A 176 28.86 -11.54 -11.63
CA ASP A 176 28.80 -10.65 -10.46
C ASP A 176 29.16 -11.33 -9.18
N ILE A 177 28.72 -12.59 -9.09
CA ILE A 177 29.14 -13.47 -8.01
C ILE A 177 30.68 -13.51 -7.98
N ALA A 178 31.24 -13.90 -9.11
CA ALA A 178 32.68 -14.02 -9.23
C ALA A 178 33.36 -12.73 -8.77
N ALA A 179 32.77 -11.58 -9.07
CA ALA A 179 33.40 -10.33 -8.66
C ALA A 179 33.35 -10.10 -7.15
N GLY A 180 32.65 -10.99 -6.41
CA GLY A 180 32.50 -10.85 -4.97
C GLY A 180 31.42 -9.83 -4.69
N GLY A 181 31.59 -9.04 -3.64
CA GLY A 181 30.57 -8.06 -3.22
C GLY A 181 29.42 -8.63 -2.36
N TRP A 182 28.85 -7.77 -1.50
CA TRP A 182 27.78 -8.21 -0.60
C TRP A 182 26.45 -8.31 -1.38
N ALA A 183 25.60 -9.25 -0.97
CA ALA A 183 24.23 -9.31 -1.46
C ALA A 183 23.35 -9.79 -0.29
N GLY A 184 22.03 -9.54 -0.37
CA GLY A 184 21.19 -9.85 0.75
C GLY A 184 19.85 -9.15 0.73
N VAL A 185 19.21 -9.13 1.90
CA VAL A 185 17.85 -8.52 2.06
C VAL A 185 17.87 -7.64 3.27
N VAL A 186 17.41 -6.41 3.11
CA VAL A 186 17.09 -5.57 4.24
C VAL A 186 15.58 -5.70 4.49
N PRO A 187 15.18 -6.40 5.56
CA PRO A 187 13.76 -6.57 5.84
C PRO A 187 13.06 -5.28 6.20
N LEU A 188 11.75 -5.31 5.98
CA LEU A 188 10.84 -4.23 6.37
C LEU A 188 9.72 -4.83 7.18
N THR A 189 9.43 -4.18 8.32
CA THR A 189 8.31 -4.57 9.15
C THR A 189 7.55 -3.33 9.57
N THR A 190 6.27 -3.53 9.84
CA THR A 190 5.40 -2.48 10.27
C THR A 190 4.97 -2.86 11.63
N GLN A 191 5.18 -1.94 12.58
CA GLN A 191 4.95 -2.18 13.97
C GLN A 191 4.13 -1.10 14.67
N TYR A 192 3.37 -1.52 15.67
CA TYR A 192 2.65 -0.61 16.53
C TYR A 192 3.64 0.06 17.51
N GLY A 193 3.56 1.37 17.65
CA GLY A 193 4.24 2.11 18.69
C GLY A 193 3.47 2.15 20.02
N ALA A 194 4.13 2.68 21.06
CA ALA A 194 3.47 2.86 22.35
C ALA A 194 2.27 3.77 22.13
N PRO A 195 1.13 3.47 22.75
CA PRO A 195 -0.02 4.31 22.48
C PRO A 195 0.05 5.69 23.06
N LEU A 196 -0.56 6.61 22.32
CA LEU A 196 -0.60 8.03 22.73
C LEU A 196 -2.00 8.36 23.21
N THR A 197 -2.13 8.72 24.48
CA THR A 197 -3.39 9.04 25.05
C THR A 197 -3.92 10.43 24.63
N ALA A 198 -5.17 10.51 24.22
CA ALA A 198 -5.75 11.78 23.81
C ALA A 198 -5.81 12.78 24.99
N PRO A 199 -5.60 14.07 24.69
CA PRO A 199 -5.63 15.10 25.73
C PRO A 199 -6.94 15.23 26.47
N ASP A 200 -8.07 14.82 25.93
CA ASP A 200 -9.29 14.96 26.70
C ASP A 200 -9.63 13.73 27.52
N VAL A 201 -8.67 12.82 27.75
CA VAL A 201 -8.90 11.57 28.53
C VAL A 201 -8.43 11.90 29.93
N ALA A 202 -9.14 11.42 30.95
CA ALA A 202 -8.86 11.77 32.36
C ALA A 202 -7.51 11.19 32.72
N ALA A 203 -6.76 11.93 33.53
CA ALA A 203 -5.37 11.58 33.79
C ALA A 203 -5.43 10.19 34.46
N GLY A 204 -4.44 9.32 34.18
CA GLY A 204 -4.37 7.95 34.77
C GLY A 204 -5.37 6.88 34.29
N THR A 205 -6.16 7.17 33.23
CA THR A 205 -7.15 6.23 32.72
C THR A 205 -6.36 5.09 32.12
N PRO A 206 -6.72 3.82 32.37
CA PRO A 206 -5.93 2.73 31.80
C PRO A 206 -6.14 2.46 30.34
N LEU A 207 -5.22 1.69 29.77
CA LEU A 207 -5.42 1.22 28.39
C LEU A 207 -6.41 0.12 28.43
N PRO A 208 -7.36 0.10 27.47
CA PRO A 208 -8.24 -1.00 27.35
C PRO A 208 -7.56 -2.27 26.88
N PRO A 209 -8.12 -3.44 27.22
CA PRO A 209 -7.39 -4.66 26.88
C PRO A 209 -7.15 -4.80 25.42
N SER A 210 -8.12 -4.39 24.61
CA SER A 210 -7.96 -4.48 23.19
C SER A 210 -6.79 -3.68 22.71
N VAL A 211 -6.56 -2.54 23.34
CA VAL A 211 -5.49 -1.72 22.86
C VAL A 211 -4.19 -2.30 23.39
N ARG A 212 -4.21 -2.97 24.54
CA ARG A 212 -3.00 -3.63 25.08
C ARG A 212 -2.49 -4.69 24.14
N GLY A 213 -3.41 -5.35 23.45
CA GLY A 213 -3.12 -6.27 22.32
C GLY A 213 -2.47 -5.72 21.07
N MET A 214 -2.61 -4.42 20.84
CA MET A 214 -2.07 -3.79 19.63
C MET A 214 -0.57 -3.54 19.82
N THR A 215 0.17 -4.64 19.83
CA THR A 215 1.59 -4.60 19.99
C THR A 215 2.23 -5.63 19.01
N GLY A 216 3.47 -5.43 18.68
CA GLY A 216 4.18 -6.27 17.69
C GLY A 216 3.91 -5.75 16.29
N GLU A 217 3.98 -6.69 15.36
CA GLU A 217 3.79 -6.37 13.98
C GLU A 217 2.33 -6.27 13.64
N LEU A 218 2.06 -5.26 12.88
CA LEU A 218 0.74 -4.89 12.45
C LEU A 218 0.02 -6.10 11.93
N ARG A 219 -1.20 -6.37 12.44
CA ARG A 219 -2.11 -7.39 11.84
C ARG A 219 -3.55 -6.86 11.64
N ASN A 220 -4.38 -7.62 10.93
CA ASN A 220 -5.80 -7.28 10.66
C ASN A 220 -6.79 -8.38 11.22
N THR A 221 -6.43 -8.94 12.39
CA THR A 221 -7.30 -9.77 13.22
C THR A 221 -6.63 -10.09 14.56
N GLU B 16 -9.75 21.77 6.30
CA GLU B 16 -9.75 20.67 5.27
C GLU B 16 -8.46 19.80 5.31
N LYS B 17 -8.66 18.49 5.18
CA LYS B 17 -7.56 17.52 5.19
C LYS B 17 -6.83 17.33 3.84
N GLN B 18 -7.47 17.69 2.71
CA GLN B 18 -6.76 17.94 1.43
C GLN B 18 -5.59 18.95 1.57
N SER B 19 -4.36 18.52 1.25
CA SER B 19 -3.22 19.45 1.18
C SER B 19 -2.81 19.82 -0.26
N THR B 20 -2.29 21.02 -0.40
CA THR B 20 -1.96 21.58 -1.70
C THR B 20 -0.43 21.83 -1.82
N SER B 21 0.31 21.44 -0.78
CA SER B 21 1.74 21.68 -0.70
C SER B 21 2.48 20.62 -1.51
N ARG B 22 3.14 21.07 -2.55
CA ARG B 22 3.99 20.23 -3.35
C ARG B 22 5.14 19.64 -2.55
N GLU B 23 5.60 20.41 -1.57
CA GLU B 23 6.65 19.99 -0.67
C GLU B 23 6.18 18.77 0.14
N ARG B 24 4.97 18.81 0.63
CA ARG B 24 4.42 17.66 1.36
C ARG B 24 4.21 16.44 0.50
N LEU B 25 3.79 16.66 -0.74
CA LEU B 25 3.64 15.57 -1.67
C LEU B 25 4.98 14.89 -1.91
N ASP B 26 5.98 15.70 -2.19
CA ASP B 26 7.30 15.17 -2.39
C ASP B 26 7.76 14.43 -1.19
N ASP B 27 7.49 14.98 -0.01
CA ASP B 27 7.87 14.29 1.22
C ASP B 27 7.28 12.88 1.29
N LEU B 28 6.00 12.75 0.98
CA LEU B 28 5.42 11.36 0.93
C LEU B 28 6.02 10.47 -0.19
N LEU B 29 6.19 11.02 -1.39
CA LEU B 29 6.76 10.25 -2.50
C LEU B 29 8.18 9.85 -2.23
N ASP B 30 8.88 10.64 -1.42
CA ASP B 30 10.28 10.25 -1.04
C ASP B 30 10.35 9.37 0.20
N THR B 31 9.21 9.00 0.79
CA THR B 31 9.15 8.09 1.95
C THR B 31 8.77 6.65 1.58
N ILE B 32 7.71 6.52 0.80
CA ILE B 32 7.04 5.26 0.51
C ILE B 32 7.50 4.82 -0.85
N PRO B 33 8.05 3.60 -0.98
CA PRO B 33 8.49 3.22 -2.33
C PRO B 33 7.51 2.43 -3.20
N LEU B 34 6.34 2.07 -2.70
N LEU B 34 6.34 2.12 -2.65
CA LEU B 34 5.40 1.37 -3.54
CA LEU B 34 5.27 1.34 -3.31
C LEU B 34 4.25 2.25 -3.91
C LEU B 34 4.19 2.24 -3.87
N ALA B 35 3.81 2.06 -5.12
CA ALA B 35 2.63 2.71 -5.63
C ALA B 35 1.68 1.62 -6.00
N THR B 36 0.43 2.00 -6.11
CA THR B 36 -0.55 1.15 -6.73
C THR B 36 -1.06 1.88 -7.93
N VAL B 37 -1.02 1.25 -9.10
CA VAL B 37 -1.39 1.93 -10.35
C VAL B 37 -2.71 1.33 -10.80
N ALA B 38 -3.71 2.16 -11.10
CA ALA B 38 -4.98 1.70 -11.60
C ALA B 38 -5.04 2.13 -13.06
N LEU B 39 -5.57 1.26 -13.93
CA LEU B 39 -5.87 1.64 -15.31
C LEU B 39 -7.04 0.80 -15.76
N VAL B 40 -7.48 1.01 -16.98
CA VAL B 40 -8.70 0.43 -17.51
C VAL B 40 -8.27 -0.48 -18.61
N ARG B 41 -8.74 -1.72 -18.50
N ARG B 41 -8.62 -1.75 -18.47
CA ARG B 41 -8.87 -2.68 -19.60
CA ARG B 41 -8.61 -2.65 -19.60
C ARG B 41 -10.33 -3.00 -19.95
C ARG B 41 -10.05 -3.16 -19.83
N ASP B 42 -10.62 -2.94 -21.24
N ASP B 42 -10.54 -2.94 -21.05
CA ASP B 42 -11.93 -3.26 -21.71
CA ASP B 42 -11.84 -3.44 -21.44
C ASP B 42 -12.94 -2.82 -20.68
C ASP B 42 -12.93 -2.84 -20.56
N GLY B 43 -12.95 -1.52 -20.44
CA GLY B 43 -13.98 -0.84 -19.65
C GLY B 43 -14.00 -1.15 -18.15
N HIS B 44 -13.09 -2.06 -17.72
CA HIS B 44 -12.98 -2.52 -16.35
C HIS B 44 -11.64 -2.21 -15.69
N PRO B 45 -11.67 -2.13 -14.41
CA PRO B 45 -10.49 -1.59 -13.71
C PRO B 45 -9.54 -2.66 -13.41
N VAL B 46 -8.27 -2.31 -13.46
CA VAL B 46 -7.22 -3.18 -12.97
C VAL B 46 -6.28 -2.34 -12.08
N ALA B 47 -5.64 -3.01 -11.16
CA ALA B 47 -4.79 -2.36 -10.15
C ALA B 47 -3.59 -3.23 -9.87
N PHE B 48 -2.38 -2.65 -9.97
N PHE B 48 -2.37 -2.70 -9.85
CA PHE B 48 -1.12 -3.37 -9.70
CA PHE B 48 -1.27 -3.55 -9.44
C PHE B 48 -0.28 -2.58 -8.70
C PHE B 48 -0.23 -2.69 -8.77
N PRO B 49 0.46 -3.28 -7.81
CA PRO B 49 1.46 -2.65 -7.04
C PRO B 49 2.74 -2.57 -7.87
N ILE B 50 3.49 -1.52 -7.67
CA ILE B 50 4.81 -1.44 -8.31
C ILE B 50 5.70 -0.53 -7.51
N GLY B 51 7.00 -0.79 -7.55
CA GLY B 51 7.94 0.13 -6.92
C GLY B 51 8.02 1.39 -7.78
N PHE B 52 8.24 2.53 -7.16
CA PHE B 52 8.48 3.78 -7.92
C PHE B 52 9.49 4.64 -7.26
N GLY B 53 10.04 5.56 -8.07
CA GLY B 53 10.89 6.63 -7.50
C GLY B 53 10.45 7.96 -8.05
N ARG B 54 10.58 9.01 -7.24
CA ARG B 54 10.42 10.36 -7.74
C ARG B 54 11.74 10.83 -8.22
N VAL B 55 11.77 11.18 -9.49
CA VAL B 55 12.98 11.79 -10.10
C VAL B 55 12.61 13.19 -10.54
N GLY B 56 12.90 14.16 -9.70
CA GLY B 56 12.48 15.56 -9.83
C GLY B 56 10.99 15.65 -9.90
N ASP B 57 10.46 15.95 -11.08
CA ASP B 57 9.04 16.11 -11.29
C ASP B 57 8.39 14.96 -12.07
N GLU B 58 9.01 13.79 -12.06
N GLU B 58 9.06 13.81 -12.13
CA GLU B 58 8.40 12.63 -12.66
CA GLU B 58 8.53 12.61 -12.74
C GLU B 58 8.44 11.47 -11.71
C GLU B 58 8.33 11.59 -11.59
N LEU B 59 7.32 10.74 -11.73
CA LEU B 59 7.20 9.50 -10.99
C LEU B 59 7.55 8.40 -11.97
N VAL B 60 8.56 7.62 -11.64
CA VAL B 60 9.17 6.71 -12.53
C VAL B 60 8.99 5.26 -12.06
N ILE B 61 8.59 4.37 -12.98
CA ILE B 61 8.47 2.95 -12.67
C ILE B 61 9.16 2.16 -13.72
N HIS B 62 9.43 0.92 -13.43
CA HIS B 62 10.06 0.09 -14.46
C HIS B 62 9.71 -1.34 -14.28
N GLY B 63 9.87 -2.12 -15.35
CA GLY B 63 9.76 -3.55 -15.26
C GLY B 63 10.04 -4.20 -16.61
N SER B 64 9.42 -5.38 -16.86
CA SER B 64 9.75 -6.13 -18.08
C SER B 64 9.02 -5.58 -19.28
N THR B 65 9.75 -5.50 -20.42
CA THR B 65 9.16 -5.16 -21.71
C THR B 65 8.03 -6.13 -22.07
N GLY B 66 8.02 -7.30 -21.44
CA GLY B 66 6.97 -8.28 -21.73
C GLY B 66 5.76 -8.24 -20.82
N SER B 67 5.76 -7.35 -19.83
CA SER B 67 4.58 -7.23 -18.94
C SER B 67 3.39 -6.59 -19.68
N PRO B 68 2.25 -7.33 -19.77
CA PRO B 68 1.09 -6.78 -20.42
C PRO B 68 0.58 -5.45 -19.86
N TRP B 69 0.63 -5.27 -18.55
N TRP B 69 0.54 -5.24 -18.55
CA TRP B 69 0.06 -4.07 -17.99
CA TRP B 69 -0.01 -3.95 -18.12
C TRP B 69 0.99 -2.84 -18.15
C TRP B 69 0.99 -2.80 -18.22
N LEU B 70 2.28 -3.06 -18.03
CA LEU B 70 3.27 -2.02 -18.35
C LEU B 70 3.20 -1.69 -19.84
N ARG B 71 2.99 -2.71 -20.69
CA ARG B 71 2.80 -2.43 -22.10
C ARG B 71 1.58 -1.56 -22.33
N ALA B 72 0.47 -1.83 -21.63
CA ALA B 72 -0.70 -0.96 -21.79
C ALA B 72 -0.44 0.46 -21.43
N LEU B 73 0.32 0.64 -20.34
CA LEU B 73 0.67 1.98 -19.96
C LEU B 73 1.54 2.62 -21.05
N ALA B 74 2.49 1.84 -21.55
CA ALA B 74 3.40 2.30 -22.54
C ALA B 74 2.63 2.75 -23.80
N GLU B 75 1.48 2.10 -24.03
N GLU B 75 1.52 2.11 -24.16
CA GLU B 75 0.65 2.30 -25.19
CA GLU B 75 0.87 2.55 -25.37
C GLU B 75 -0.26 3.51 -25.07
C GLU B 75 -0.24 3.57 -25.10
N GLY B 76 -0.23 4.20 -23.92
CA GLY B 76 -1.10 5.37 -23.69
C GLY B 76 -2.27 5.24 -22.72
N ALA B 77 -2.37 4.14 -21.98
CA ALA B 77 -3.54 4.01 -21.09
C ALA B 77 -3.50 5.01 -19.96
N PRO B 78 -4.54 5.83 -19.83
CA PRO B 78 -4.60 6.79 -18.70
C PRO B 78 -4.56 6.03 -17.34
N ALA B 79 -3.88 6.64 -16.38
CA ALA B 79 -3.59 5.93 -15.11
C ALA B 79 -3.94 6.76 -13.94
N ALA B 80 -4.25 6.07 -12.82
CA ALA B 80 -4.34 6.75 -11.52
C ALA B 80 -3.36 6.03 -10.61
N VAL B 81 -2.55 6.79 -9.89
CA VAL B 81 -1.42 6.22 -9.17
C VAL B 81 -1.67 6.64 -7.74
N SER B 82 -1.71 5.66 -6.83
CA SER B 82 -1.97 5.89 -5.42
C SER B 82 -0.80 5.53 -4.58
N VAL B 83 -0.38 6.42 -3.71
CA VAL B 83 0.78 6.19 -2.77
C VAL B 83 0.26 6.49 -1.41
N THR B 84 0.38 5.53 -0.50
CA THR B 84 -0.23 5.68 0.82
C THR B 84 0.75 5.30 1.91
N ALA B 85 0.79 6.07 2.98
CA ALA B 85 1.52 5.71 4.20
C ALA B 85 0.56 5.58 5.36
N LEU B 86 0.50 4.42 5.95
CA LEU B 86 -0.35 4.20 7.12
C LEU B 86 0.45 4.61 8.37
N ASP B 87 -0.04 5.56 9.13
CA ASP B 87 0.71 6.17 10.22
C ASP B 87 0.15 5.82 11.63
N GLY B 88 -1.00 5.18 11.72
CA GLY B 88 -1.59 4.95 13.01
C GLY B 88 -3.04 4.58 13.03
N VAL B 89 -3.48 4.13 14.20
CA VAL B 89 -4.86 3.74 14.44
C VAL B 89 -5.47 4.72 15.40
N VAL B 90 -6.58 5.36 15.01
CA VAL B 90 -7.22 6.43 15.80
C VAL B 90 -8.28 5.68 16.59
N VAL B 91 -8.09 5.59 17.91
CA VAL B 91 -8.95 4.73 18.76
C VAL B 91 -9.82 5.69 19.57
N ALA B 92 -11.10 5.75 19.19
CA ALA B 92 -12.03 6.71 19.77
C ALA B 92 -12.91 6.02 20.74
N ARG B 93 -13.75 6.82 21.41
N ARG B 93 -13.77 6.78 21.42
CA ARG B 93 -14.67 6.25 22.42
CA ARG B 93 -14.72 6.21 22.41
C ARG B 93 -15.82 5.51 21.77
C ARG B 93 -16.03 5.77 21.79
N SER B 94 -16.05 5.74 20.47
CA SER B 94 -17.08 5.10 19.69
C SER B 94 -16.42 4.49 18.47
N SER B 95 -17.01 3.43 17.98
CA SER B 95 -16.47 2.83 16.76
C SER B 95 -16.70 3.76 15.58
N PHE B 96 -17.82 4.51 15.61
CA PHE B 96 -18.09 5.54 14.58
C PHE B 96 -16.95 6.52 14.39
N GLU B 97 -16.33 6.96 15.46
CA GLU B 97 -15.27 7.98 15.36
C GLU B 97 -13.86 7.39 15.28
N SER B 98 -13.74 6.07 15.25
CA SER B 98 -12.42 5.49 15.18
C SER B 98 -12.03 5.46 13.69
N SER B 99 -10.74 5.48 13.43
CA SER B 99 -10.22 5.53 12.06
C SER B 99 -8.72 5.24 12.00
N PHE B 100 -8.10 5.48 10.84
CA PHE B 100 -6.63 5.38 10.66
C PHE B 100 -6.06 6.73 10.40
N ARG B 101 -4.86 7.02 10.92
CA ARG B 101 -4.05 8.12 10.54
C ARG B 101 -3.32 7.62 9.26
N TYR B 102 -3.29 8.44 8.23
CA TYR B 102 -2.61 8.07 7.00
C TYR B 102 -2.29 9.33 6.19
N ARG B 103 -1.41 9.16 5.22
CA ARG B 103 -1.16 10.18 4.19
C ARG B 103 -1.35 9.50 2.86
N SER B 104 -2.07 10.11 1.92
CA SER B 104 -2.25 9.50 0.63
C SER B 104 -2.22 10.52 -0.48
N ALA B 105 -1.49 10.17 -1.53
CA ALA B 105 -1.49 10.93 -2.77
C ALA B 105 -2.08 10.14 -3.90
N THR B 106 -2.76 10.83 -4.76
CA THR B 106 -3.24 10.25 -6.00
C THR B 106 -2.84 11.17 -7.16
N LEU B 107 -2.27 10.59 -8.19
CA LEU B 107 -1.72 11.31 -9.31
C LEU B 107 -2.34 10.71 -10.55
N PHE B 108 -2.60 11.56 -11.53
CA PHE B 108 -3.38 11.11 -12.73
C PHE B 108 -2.64 11.53 -13.97
N GLY B 109 -2.67 10.69 -15.00
CA GLY B 109 -2.19 11.06 -16.32
C GLY B 109 -1.73 9.86 -17.09
N THR B 110 -0.96 10.10 -18.11
CA THR B 110 -0.47 9.04 -18.97
C THR B 110 1.02 8.88 -18.80
N PHE B 111 1.51 7.66 -18.56
CA PHE B 111 2.91 7.44 -18.47
C PHE B 111 3.56 7.62 -19.83
N GLU B 112 4.74 8.24 -19.86
CA GLU B 112 5.51 8.35 -21.13
C GLU B 112 6.55 7.31 -21.07
N VAL B 113 6.77 6.62 -22.18
CA VAL B 113 7.91 5.66 -22.31
C VAL B 113 9.25 6.43 -22.25
N ILE B 114 10.18 5.98 -21.43
N ILE B 114 10.17 5.99 -21.44
CA ILE B 114 11.52 6.53 -21.47
CA ILE B 114 11.49 6.58 -21.47
C ILE B 114 12.27 6.00 -22.68
C ILE B 114 12.29 6.00 -22.66
N ALA B 115 12.84 6.91 -23.47
CA ALA B 115 13.63 6.56 -24.66
C ALA B 115 14.82 5.73 -24.32
N ASP B 116 15.25 4.91 -25.28
CA ASP B 116 16.40 4.08 -25.05
C ASP B 116 17.65 4.84 -24.57
N ASP B 117 17.86 6.02 -25.13
CA ASP B 117 19.03 6.87 -24.78
C ASP B 117 18.98 7.45 -23.38
N ALA B 118 17.77 7.47 -22.82
CA ALA B 118 17.55 8.03 -21.52
C ALA B 118 17.38 6.98 -20.39
N LYS B 119 17.23 5.71 -20.72
CA LYS B 119 16.83 4.74 -19.71
C LYS B 119 17.88 4.52 -18.70
N ARG B 120 19.13 4.51 -19.16
CA ARG B 120 20.23 4.22 -18.23
C ARG B 120 20.25 5.22 -17.09
N GLY B 121 20.14 6.47 -17.43
CA GLY B 121 20.15 7.56 -16.39
C GLY B 121 18.97 7.47 -15.45
N TYR B 122 17.80 7.20 -16.02
CA TYR B 122 16.61 7.13 -15.18
C TYR B 122 16.67 5.93 -14.28
N LEU B 123 17.15 4.79 -14.78
CA LEU B 123 17.20 3.59 -13.94
C LEU B 123 18.23 3.69 -12.85
N ASP B 124 19.31 4.43 -13.10
CA ASP B 124 20.26 4.68 -12.03
C ASP B 124 19.65 5.59 -10.96
N ALA B 125 18.92 6.59 -11.37
CA ALA B 125 18.23 7.48 -10.42
C ALA B 125 17.25 6.69 -9.58
N LEU B 126 16.53 5.77 -10.22
CA LEU B 126 15.54 4.91 -9.59
C LEU B 126 16.18 4.02 -8.53
N THR B 127 17.24 3.31 -8.91
CA THR B 127 18.02 2.57 -7.98
C THR B 127 18.41 3.34 -6.76
N ASP B 128 18.92 4.52 -6.95
CA ASP B 128 19.32 5.40 -5.87
C ASP B 128 18.13 5.88 -5.01
N ARG B 129 16.89 5.74 -5.47
CA ARG B 129 15.77 5.97 -4.52
C ARG B 129 15.60 4.79 -3.60
N PHE B 130 15.62 3.59 -4.17
CA PHE B 130 15.34 2.36 -3.43
C PHE B 130 16.49 2.00 -2.48
N ILE B 131 17.72 2.30 -2.89
CA ILE B 131 18.92 1.96 -2.06
C ILE B 131 19.89 3.15 -2.20
N PRO B 132 19.75 4.13 -1.33
CA PRO B 132 20.53 5.31 -1.61
C PRO B 132 21.99 4.99 -1.64
N GLY B 133 22.67 5.59 -2.60
CA GLY B 133 24.11 5.46 -2.71
C GLY B 133 24.56 4.19 -3.40
N ARG B 134 23.63 3.39 -3.90
CA ARG B 134 23.94 2.07 -4.40
C ARG B 134 24.52 2.09 -5.81
N THR B 135 24.12 3.02 -6.68
N THR B 135 24.08 3.00 -6.66
CA THR B 135 24.59 2.97 -8.07
CA THR B 135 24.58 2.96 -8.04
C THR B 135 26.07 3.31 -8.23
C THR B 135 26.11 3.12 -8.05
N ALA B 136 26.63 4.09 -7.31
CA ALA B 136 28.09 4.34 -7.30
C ALA B 136 28.82 3.11 -6.77
N GLU B 137 28.09 2.13 -6.24
CA GLU B 137 28.70 0.90 -5.75
C GLU B 137 28.67 -0.22 -6.74
N LEU B 138 27.84 -0.13 -7.77
CA LEU B 138 27.67 -1.25 -8.65
C LEU B 138 28.29 -0.98 -10.01
N ARG B 139 28.52 -2.05 -10.75
CA ARG B 139 28.91 -1.93 -12.11
C ARG B 139 27.74 -1.36 -12.90
N ALA B 140 28.03 -0.81 -14.08
CA ALA B 140 26.97 -0.40 -15.01
C ALA B 140 26.13 -1.56 -15.47
N SER B 141 24.86 -1.26 -15.77
CA SER B 141 23.98 -2.23 -16.40
C SER B 141 24.40 -2.44 -17.81
N THR B 142 24.23 -3.66 -18.27
CA THR B 142 24.57 -4.02 -19.64
C THR B 142 23.48 -3.64 -20.61
N ARG B 143 23.87 -3.61 -21.89
CA ARG B 143 22.93 -3.29 -22.94
C ARG B 143 21.78 -4.26 -22.93
N LYS B 144 22.06 -5.52 -22.60
CA LYS B 144 21.04 -6.57 -22.61
C LYS B 144 20.03 -6.31 -21.45
N GLU B 145 20.58 -5.98 -20.30
CA GLU B 145 19.74 -5.67 -19.14
C GLU B 145 18.80 -4.49 -19.48
N LEU B 146 19.34 -3.45 -20.13
CA LEU B 146 18.55 -2.28 -20.44
C LEU B 146 17.48 -2.66 -21.41
N ALA B 147 17.86 -3.46 -22.40
CA ALA B 147 16.96 -3.85 -23.47
C ALA B 147 15.77 -4.69 -22.95
N ALA B 148 15.98 -5.46 -21.87
CA ALA B 148 14.90 -6.22 -21.25
C ALA B 148 13.98 -5.35 -20.41
N THR B 149 14.30 -4.06 -20.24
CA THR B 149 13.63 -3.17 -19.28
C THR B 149 12.76 -2.11 -19.93
N LEU B 150 11.51 -2.03 -19.49
CA LEU B 150 10.65 -0.93 -19.84
C LEU B 150 10.62 0.04 -18.64
N ALA B 151 10.89 1.33 -18.94
CA ALA B 151 10.86 2.38 -17.93
C ALA B 151 9.88 3.47 -18.36
N LEU B 152 9.03 3.92 -17.44
CA LEU B 152 7.95 4.80 -17.75
C LEU B 152 7.94 5.94 -16.78
N ALA B 153 7.49 7.08 -17.22
CA ALA B 153 7.49 8.22 -16.33
C ALA B 153 6.22 8.95 -16.37
N LEU B 154 5.65 9.30 -15.20
CA LEU B 154 4.39 10.09 -15.17
C LEU B 154 4.70 11.48 -14.67
N ALA B 155 4.36 12.52 -15.42
CA ALA B 155 4.68 13.91 -14.96
C ALA B 155 3.85 14.32 -13.78
N ILE B 156 4.53 14.92 -12.81
CA ILE B 156 3.90 15.55 -11.70
C ILE B 156 3.82 17.05 -12.01
N GLY B 157 2.61 17.50 -12.31
CA GLY B 157 2.37 18.89 -12.74
C GLY B 157 1.76 19.66 -11.62
N ASP B 158 1.09 20.74 -11.98
CA ASP B 158 0.52 21.59 -10.96
C ASP B 158 -0.85 21.11 -10.52
N ASP B 159 -1.65 20.57 -11.43
N ASP B 159 -1.52 20.48 -11.48
CA ASP B 159 -3.03 20.21 -11.09
CA ASP B 159 -2.93 20.21 -11.49
C ASP B 159 -3.44 18.75 -11.31
C ASP B 159 -3.33 18.78 -11.09
N ASN B 160 -2.51 17.81 -11.51
CA ASN B 160 -2.91 16.39 -11.72
C ASN B 160 -2.74 15.44 -10.52
N TRP B 161 -2.82 16.01 -9.33
CA TRP B 161 -2.67 15.26 -8.12
C TRP B 161 -3.42 15.82 -6.96
N SER B 162 -3.65 14.97 -5.95
CA SER B 162 -4.23 15.46 -4.68
C SER B 162 -3.56 14.73 -3.56
N LEU B 163 -3.59 15.33 -2.40
CA LEU B 163 -2.86 14.85 -1.23
C LEU B 163 -3.80 14.95 -0.08
N LYS B 164 -4.09 13.81 0.52
CA LYS B 164 -4.93 13.78 1.74
C LYS B 164 -4.07 13.39 2.93
N LEU B 165 -4.14 14.13 4.04
CA LEU B 165 -3.32 13.94 5.22
C LEU B 165 -4.31 13.89 6.38
N SER B 166 -4.42 12.75 7.05
CA SER B 166 -5.24 12.65 8.21
C SER B 166 -4.33 12.25 9.34
N GLU B 167 -4.02 13.20 10.22
CA GLU B 167 -3.15 12.94 11.36
C GLU B 167 -3.84 13.40 12.65
N GLY B 168 -5.16 13.19 12.74
CA GLY B 168 -5.97 13.72 13.84
C GLY B 168 -5.96 12.94 15.15
N TRP B 169 -6.55 13.53 16.18
CA TRP B 169 -6.93 12.85 17.38
C TRP B 169 -8.41 12.48 17.26
N PRO B 170 -8.91 11.52 18.06
CA PRO B 170 -10.34 11.22 17.96
C PRO B 170 -11.25 12.40 18.38
N ASP B 171 -12.36 12.63 17.70
CA ASP B 171 -13.25 13.74 18.03
C ASP B 171 -14.54 13.12 18.51
N ASP B 172 -14.62 12.86 19.80
CA ASP B 172 -15.76 12.12 20.35
C ASP B 172 -16.86 13.07 20.79
N ALA B 173 -18.11 12.65 20.64
CA ALA B 173 -19.25 13.41 21.21
C ALA B 173 -19.05 13.64 22.70
N ASP B 174 -19.67 14.71 23.18
N ASP B 174 -19.54 14.74 23.27
CA ASP B 174 -19.59 15.15 24.57
CA ASP B 174 -19.23 14.94 24.70
C ASP B 174 -20.02 14.08 25.56
C ASP B 174 -19.98 13.99 25.63
N GLU B 175 -21.05 13.35 25.17
CA GLU B 175 -21.67 12.28 25.97
C GLU B 175 -20.72 11.12 26.19
N ASP B 176 -19.93 10.80 25.17
CA ASP B 176 -18.94 9.77 25.28
C ASP B 176 -17.75 10.28 26.13
N ILE B 177 -17.32 11.51 25.94
CA ILE B 177 -16.21 12.02 26.81
C ILE B 177 -16.66 11.93 28.27
N ALA B 178 -17.87 12.38 28.54
CA ALA B 178 -18.40 12.39 29.89
C ALA B 178 -18.61 11.02 30.48
N ALA B 179 -18.80 10.01 29.65
CA ALA B 179 -18.85 8.65 30.10
C ALA B 179 -17.48 8.05 30.42
N GLY B 180 -16.42 8.72 30.01
CA GLY B 180 -15.09 8.25 30.34
C GLY B 180 -14.54 7.41 29.20
N GLY B 181 -13.61 6.52 29.54
CA GLY B 181 -13.08 5.56 28.62
C GLY B 181 -11.82 6.12 28.04
N TRP B 182 -10.98 5.24 27.55
CA TRP B 182 -9.73 5.67 27.00
C TRP B 182 -9.91 6.05 25.52
N ALA B 183 -9.06 6.92 25.01
CA ALA B 183 -8.99 7.26 23.56
C ALA B 183 -7.65 7.77 23.23
N GLY B 184 -7.26 7.62 21.97
CA GLY B 184 -5.96 8.01 21.58
C GLY B 184 -5.60 7.47 20.24
N VAL B 185 -4.30 7.39 20.00
CA VAL B 185 -3.72 6.93 18.76
C VAL B 185 -2.64 5.90 19.05
N VAL B 186 -2.70 4.77 18.38
CA VAL B 186 -1.64 3.78 18.37
C VAL B 186 -0.81 3.94 17.06
N PRO B 187 0.39 4.49 17.16
CA PRO B 187 1.15 4.71 15.95
C PRO B 187 1.58 3.47 15.27
N LEU B 188 1.76 3.59 13.95
CA LEU B 188 2.36 2.56 13.16
C LEU B 188 3.61 3.15 12.46
N THR B 189 4.69 2.39 12.45
CA THR B 189 5.89 2.82 11.70
C THR B 189 6.43 1.62 10.95
N THR B 190 7.07 1.93 9.85
CA THR B 190 7.74 0.86 9.09
C THR B 190 9.25 1.04 9.21
N GLN B 191 9.96 -0.03 9.55
CA GLN B 191 11.35 0.06 9.95
C GLN B 191 12.15 -0.96 9.16
N TYR B 192 13.36 -0.61 8.75
CA TYR B 192 14.30 -1.57 8.22
C TYR B 192 14.78 -2.43 9.37
N GLY B 193 14.84 -3.72 9.13
CA GLY B 193 15.39 -4.67 10.06
C GLY B 193 16.87 -4.91 9.75
N ALA B 194 17.46 -5.78 10.55
CA ALA B 194 18.85 -6.15 10.40
C ALA B 194 19.03 -6.88 9.08
N PRO B 195 20.06 -6.52 8.33
CA PRO B 195 20.24 -7.20 7.03
C PRO B 195 20.52 -8.65 7.09
N LEU B 196 20.07 -9.34 6.08
CA LEU B 196 20.24 -10.72 5.96
C LEU B 196 21.16 -10.92 4.76
N THR B 197 22.33 -11.45 5.05
CA THR B 197 23.33 -11.73 4.04
C THR B 197 22.85 -12.91 3.23
N ALA B 198 22.91 -12.82 1.92
CA ALA B 198 22.54 -13.93 1.05
C ALA B 198 23.48 -15.15 1.21
N PRO B 199 22.96 -16.37 0.99
CA PRO B 199 23.73 -17.62 1.12
C PRO B 199 25.04 -17.70 0.30
N ASP B 200 25.12 -17.06 -0.86
CA ASP B 200 26.34 -17.12 -1.69
C ASP B 200 27.34 -15.98 -1.48
N VAL B 201 27.25 -15.28 -0.36
CA VAL B 201 28.22 -14.26 -0.01
C VAL B 201 29.23 -14.78 1.04
N ALA B 202 30.51 -14.42 0.91
CA ALA B 202 31.54 -14.99 1.81
C ALA B 202 31.35 -14.36 3.17
N ALA B 203 31.40 -15.20 4.22
CA ALA B 203 31.43 -14.71 5.60
C ALA B 203 32.48 -13.61 5.67
N GLY B 204 32.17 -12.48 6.30
CA GLY B 204 33.22 -11.46 6.44
C GLY B 204 33.31 -10.44 5.32
N THR B 205 32.62 -10.67 4.19
CA THR B 205 32.40 -9.60 3.22
C THR B 205 31.68 -8.49 3.97
N PRO B 206 32.22 -7.29 4.01
CA PRO B 206 31.51 -6.27 4.78
C PRO B 206 30.22 -5.77 4.07
N LEU B 207 29.29 -5.22 4.83
CA LEU B 207 28.10 -4.59 4.27
C LEU B 207 28.55 -3.37 3.55
N PRO B 208 27.94 -3.09 2.40
CA PRO B 208 28.28 -1.83 1.78
C PRO B 208 27.75 -0.59 2.53
N PRO B 209 28.42 0.55 2.34
CA PRO B 209 27.92 1.81 2.88
C PRO B 209 26.41 2.08 2.61
N SER B 210 25.93 1.82 1.40
CA SER B 210 24.52 2.03 1.08
C SER B 210 23.65 1.22 2.06
N VAL B 211 23.95 -0.04 2.25
CA VAL B 211 23.20 -0.90 3.12
C VAL B 211 23.24 -0.54 4.59
N ARG B 212 24.42 -0.12 5.04
CA ARG B 212 24.57 0.36 6.40
C ARG B 212 23.79 1.65 6.63
N GLY B 213 23.56 2.46 5.60
CA GLY B 213 22.74 3.64 5.74
C GLY B 213 21.24 3.30 5.90
N MET B 214 20.83 2.06 5.66
CA MET B 214 19.41 1.65 5.63
C MET B 214 18.97 1.11 6.99
N THR B 215 18.79 2.02 7.95
CA THR B 215 18.45 1.66 9.28
C THR B 215 17.38 2.64 9.71
N GLY B 216 16.65 2.32 10.76
CA GLY B 216 15.55 3.21 11.19
C GLY B 216 14.34 3.12 10.26
N GLU B 217 13.55 4.19 10.19
CA GLU B 217 12.29 4.14 9.46
C GLU B 217 12.49 4.12 7.97
N LEU B 218 11.64 3.44 7.24
CA LEU B 218 11.56 3.74 5.82
C LEU B 218 11.43 5.27 5.83
N ARG B 219 12.37 6.00 5.24
CA ARG B 219 12.57 7.43 5.62
C ARG B 219 12.79 8.34 4.41
N ASN B 220 12.46 9.62 4.55
CA ASN B 220 12.80 10.60 3.51
C ASN B 220 14.27 11.01 3.60
#